data_4AKN
#
_entry.id   4AKN
#
_cell.length_a   114.314
_cell.length_b   55.730
_cell.length_c   67.991
_cell.angle_alpha   90.00
_cell.angle_beta   94.34
_cell.angle_gamma   90.00
#
_symmetry.space_group_name_H-M   'C 1 2 1'
#
loop_
_entity.id
_entity.type
_entity.pdbx_description
1 polymer 'BROMODOMAIN-CONTAINING PROTEIN 2'
2 non-polymer 1,2-ETHANEDIOL
3 non-polymer '4-[(2-tert-butylphenyl)amino]-7-(3,5-dimethyl-1,2-oxazol-4-yl)quinoline-3-carboxylic acid'
4 non-polymer 'SULFATE ION'
5 non-polymer 'DIMETHYL SULFOXIDE'
6 water water
#
_entity_poly.entity_id   1
_entity_poly.type   'polypeptide(L)'
_entity_poly.pdbx_seq_one_letter_code
;GSSHHHHHHSSGLVPRGSHMSNPKKPGRVTNQLQYLHKVVMKALWKHQFAWPFRQPVDAVKLGLPDYHKIIKQPMDMGTI
KRRLENNYYWAASECMQDFNTMFTNCYIYNKPTDDIVLMAQTLEKIFLQKVASMPQEEQELVVTIPNSHKKGA
;
_entity_poly.pdbx_strand_id   A,B,C
#
loop_
_chem_comp.id
_chem_comp.type
_chem_comp.name
_chem_comp.formula
DMS non-polymer 'DIMETHYL SULFOXIDE' 'C2 H6 O S'
EDO non-polymer 1,2-ETHANEDIOL 'C2 H6 O2'
S5B non-polymer '4-[(2-tert-butylphenyl)amino]-7-(3,5-dimethyl-1,2-oxazol-4-yl)quinoline-3-carboxylic acid' 'C25 H25 N3 O3'
SO4 non-polymer 'SULFATE ION' 'O4 S -2'
#
# COMPACT_ATOMS: atom_id res chain seq x y z
N VAL A 29 10.32 3.77 14.65
CA VAL A 29 10.27 3.77 13.16
C VAL A 29 10.45 2.35 12.63
N THR A 30 9.34 1.63 12.48
CA THR A 30 9.38 0.24 12.03
C THR A 30 9.55 0.14 10.53
N ASN A 31 9.91 -1.06 10.06
CA ASN A 31 9.99 -1.34 8.63
C ASN A 31 8.68 -1.06 7.91
N GLN A 32 7.58 -1.43 8.55
CA GLN A 32 6.25 -1.25 7.97
C GLN A 32 5.90 0.23 7.83
N LEU A 33 6.12 0.99 8.91
CA LEU A 33 5.86 2.43 8.88
C LEU A 33 6.74 3.17 7.87
N GLN A 34 7.99 2.74 7.72
CA GLN A 34 8.87 3.28 6.66
C GLN A 34 8.26 3.06 5.28
N TYR A 35 7.74 1.86 5.06
CA TYR A 35 7.10 1.52 3.79
C TYR A 35 5.87 2.39 3.56
N LEU A 36 5.05 2.56 4.59
CA LEU A 36 3.83 3.36 4.47
C LEU A 36 4.17 4.83 4.12
N HIS A 37 5.27 5.33 4.67
CA HIS A 37 5.71 6.69 4.40
C HIS A 37 6.36 6.81 3.05
N LYS A 38 7.34 5.95 2.77
CA LYS A 38 8.15 6.04 1.55
C LYS A 38 7.46 5.54 0.27
N VAL A 39 6.53 4.59 0.41
CA VAL A 39 5.89 3.97 -0.76
C VAL A 39 4.41 4.35 -0.86
N VAL A 40 3.65 4.11 0.20
CA VAL A 40 2.21 4.34 0.16
C VAL A 40 1.88 5.83 0.14
N MET A 41 2.32 6.57 1.15
CA MET A 41 2.02 8.01 1.22
C MET A 41 2.61 8.76 0.02
N LYS A 42 3.84 8.43 -0.37
N LYS A 42 3.83 8.41 -0.37
CA LYS A 42 4.48 9.06 -1.51
CA LYS A 42 4.49 9.03 -1.50
C LYS A 42 3.62 8.91 -2.78
C LYS A 42 3.66 8.89 -2.78
N ALA A 43 3.13 7.70 -3.01
CA ALA A 43 2.29 7.42 -4.19
C ALA A 43 0.97 8.18 -4.16
N LEU A 44 0.31 8.19 -3.00
CA LEU A 44 -0.98 8.82 -2.87
C LEU A 44 -0.91 10.35 -2.87
N TRP A 45 0.11 10.90 -2.19
CA TRP A 45 0.23 12.34 -2.02
C TRP A 45 0.36 13.07 -3.33
N LYS A 46 1.12 12.50 -4.26
CA LYS A 46 1.39 13.14 -5.55
C LYS A 46 0.36 12.80 -6.63
N HIS A 47 -0.60 11.95 -6.30
CA HIS A 47 -1.62 11.54 -7.28
C HIS A 47 -2.47 12.71 -7.69
N GLN A 48 -2.91 12.71 -8.95
CA GLN A 48 -3.68 13.84 -9.48
C GLN A 48 -5.06 14.02 -8.83
N PHE A 49 -5.58 12.96 -8.20
CA PHE A 49 -6.85 13.04 -7.47
C PHE A 49 -6.65 13.28 -5.97
N ALA A 50 -5.42 13.44 -5.52
CA ALA A 50 -5.13 13.59 -4.08
C ALA A 50 -5.54 14.93 -3.48
N TRP A 51 -5.61 15.99 -4.30
CA TRP A 51 -5.75 17.35 -3.76
C TRP A 51 -6.90 17.58 -2.77
N PRO A 52 -8.10 16.99 -3.01
CA PRO A 52 -9.15 17.22 -2.01
C PRO A 52 -8.89 16.54 -0.66
N PHE A 53 -7.95 15.60 -0.62
CA PHE A 53 -7.67 14.78 0.56
C PHE A 53 -6.42 15.24 1.31
N ARG A 54 -5.71 16.25 0.80
CA ARG A 54 -4.44 16.69 1.39
C ARG A 54 -4.57 17.53 2.66
N GLN A 55 -5.79 17.96 2.97
CA GLN A 55 -6.04 18.76 4.15
C GLN A 55 -7.41 18.38 4.69
N PRO A 56 -7.70 18.70 5.96
CA PRO A 56 -9.01 18.38 6.48
C PRO A 56 -10.15 18.99 5.66
N VAL A 57 -11.27 18.28 5.59
CA VAL A 57 -12.48 18.82 5.00
C VAL A 57 -12.88 20.10 5.76
N ASP A 58 -12.95 21.21 5.04
CA ASP A 58 -13.35 22.49 5.63
C ASP A 58 -14.83 22.69 5.35
N ALA A 59 -15.66 22.36 6.33
CA ALA A 59 -17.13 22.39 6.17
C ALA A 59 -17.69 23.80 5.92
N VAL A 60 -16.99 24.83 6.40
CA VAL A 60 -17.42 26.21 6.17
C VAL A 60 -17.14 26.58 4.72
N LYS A 61 -15.89 26.40 4.31
CA LYS A 61 -15.47 26.64 2.92
C LYS A 61 -16.35 25.90 1.91
N LEU A 62 -16.66 24.64 2.20
CA LEU A 62 -17.42 23.80 1.26
C LEU A 62 -18.94 23.91 1.40
N GLY A 63 -19.41 24.64 2.42
CA GLY A 63 -20.84 24.80 2.65
C GLY A 63 -21.53 23.49 3.03
N LEU A 64 -20.96 22.81 4.01
CA LEU A 64 -21.44 21.51 4.45
C LEU A 64 -21.76 21.52 5.95
N PRO A 65 -22.87 22.20 6.34
CA PRO A 65 -23.16 22.41 7.76
C PRO A 65 -23.42 21.13 8.56
N ASP A 66 -23.74 20.04 7.87
CA ASP A 66 -23.99 18.75 8.53
C ASP A 66 -22.76 17.84 8.55
N TYR A 67 -21.65 18.25 7.94
CA TYR A 67 -20.49 17.38 7.81
C TYR A 67 -20.05 16.78 9.15
N HIS A 68 -19.87 17.63 10.16
CA HIS A 68 -19.37 17.16 11.45
C HIS A 68 -20.42 16.51 12.31
N LYS A 69 -21.69 16.62 11.92
CA LYS A 69 -22.76 15.86 12.55
C LYS A 69 -22.74 14.41 12.08
N ILE A 70 -22.31 14.20 10.84
CA ILE A 70 -22.31 12.86 10.24
C ILE A 70 -20.95 12.17 10.41
N ILE A 71 -19.87 12.92 10.22
CA ILE A 71 -18.53 12.38 10.31
C ILE A 71 -17.91 12.77 11.66
N LYS A 72 -17.74 11.79 12.52
CA LYS A 72 -17.30 12.05 13.90
C LYS A 72 -15.79 11.97 14.09
N GLN A 73 -15.09 11.32 13.16
CA GLN A 73 -13.63 11.24 13.20
C GLN A 73 -13.05 11.66 11.84
N PRO A 74 -12.97 12.98 11.60
CA PRO A 74 -12.35 13.43 10.35
C PRO A 74 -10.90 12.98 10.21
N MET A 75 -10.49 12.70 8.98
CA MET A 75 -9.12 12.32 8.71
C MET A 75 -8.77 12.72 7.28
N ASP A 76 -7.49 12.99 7.07
CA ASP A 76 -7.00 13.47 5.79
C ASP A 76 -5.52 13.10 5.67
N MET A 77 -4.98 13.16 4.46
N MET A 77 -5.01 13.15 4.43
CA MET A 77 -3.60 12.71 4.22
CA MET A 77 -3.62 12.77 4.13
C MET A 77 -2.54 13.66 4.78
C MET A 77 -2.60 13.64 4.85
N GLY A 78 -2.89 14.94 4.95
CA GLY A 78 -1.99 15.89 5.61
C GLY A 78 -1.73 15.50 7.05
N THR A 79 -2.80 15.16 7.77
CA THR A 79 -2.71 14.68 9.14
C THR A 79 -1.92 13.36 9.23
N ILE A 80 -2.18 12.44 8.31
CA ILE A 80 -1.47 11.15 8.28
C ILE A 80 0.01 11.38 7.99
N LYS A 81 0.30 12.22 7.01
CA LYS A 81 1.68 12.55 6.63
C LYS A 81 2.44 13.16 7.81
N ARG A 82 1.81 14.12 8.48
CA ARG A 82 2.38 14.76 9.67
C ARG A 82 2.65 13.72 10.78
N ARG A 83 1.68 12.83 10.99
CA ARG A 83 1.83 11.73 11.95
C ARG A 83 2.97 10.77 11.60
N LEU A 84 3.18 10.53 10.31
CA LEU A 84 4.30 9.69 9.86
C LEU A 84 5.63 10.40 10.08
N GLU A 85 5.69 11.69 9.74
CA GLU A 85 6.89 12.50 9.93
C GLU A 85 7.29 12.65 11.39
N ASN A 86 6.30 12.67 12.29
CA ASN A 86 6.54 12.87 13.72
C ASN A 86 6.58 11.58 14.56
N ASN A 87 6.65 10.42 13.90
CA ASN A 87 6.65 9.12 14.60
C ASN A 87 5.50 8.96 15.59
N TYR A 88 4.31 9.37 15.16
CA TYR A 88 3.10 9.28 15.98
C TYR A 88 2.63 7.83 16.14
N TYR A 89 2.73 7.06 15.06
CA TYR A 89 2.21 5.69 15.04
C TYR A 89 3.13 4.70 15.75
N TRP A 90 2.53 3.75 16.45
CA TRP A 90 3.25 2.67 17.11
C TRP A 90 3.25 1.41 16.28
N ALA A 91 2.21 1.24 15.46
CA ALA A 91 2.10 0.09 14.56
C ALA A 91 1.65 0.57 13.17
N ALA A 92 2.00 -0.20 12.15
CA ALA A 92 1.58 0.09 10.78
C ALA A 92 0.05 0.02 10.64
N SER A 93 -0.57 -0.92 11.35
CA SER A 93 -2.02 -1.08 11.32
C SER A 93 -2.74 0.21 11.74
N GLU A 94 -2.14 0.95 12.68
CA GLU A 94 -2.72 2.22 13.14
CA GLU A 94 -2.72 2.22 13.14
C GLU A 94 -2.79 3.27 12.02
N CYS A 95 -1.72 3.35 11.24
CA CYS A 95 -1.67 4.25 10.08
C CYS A 95 -2.66 3.81 9.02
N MET A 96 -2.72 2.50 8.79
CA MET A 96 -3.64 1.93 7.81
C MET A 96 -5.09 2.22 8.18
N GLN A 97 -5.41 2.22 9.48
CA GLN A 97 -6.75 2.55 9.95
C GLN A 97 -7.08 4.01 9.66
N ASP A 98 -6.10 4.92 9.77
CA ASP A 98 -6.34 6.34 9.46
C ASP A 98 -6.65 6.52 7.97
N PHE A 99 -5.87 5.88 7.10
CA PHE A 99 -6.19 5.86 5.68
C PHE A 99 -7.62 5.35 5.46
N ASN A 100 -7.94 4.24 6.10
CA ASN A 100 -9.26 3.66 5.95
C ASN A 100 -10.37 4.60 6.39
N THR A 101 -10.19 5.24 7.55
CA THR A 101 -11.15 6.21 8.05
C THR A 101 -11.37 7.36 7.05
N MET A 102 -10.28 7.87 6.50
CA MET A 102 -10.36 8.94 5.51
C MET A 102 -11.25 8.54 4.33
N PHE A 103 -11.02 7.34 3.79
CA PHE A 103 -11.82 6.89 2.63
C PHE A 103 -13.25 6.60 3.03
N THR A 104 -13.42 5.91 4.15
CA THR A 104 -14.75 5.54 4.62
C THR A 104 -15.60 6.77 4.91
N ASN A 105 -15.03 7.78 5.55
CA ASN A 105 -15.74 9.04 5.78
C ASN A 105 -16.30 9.61 4.47
N CYS A 106 -15.47 9.57 3.43
CA CYS A 106 -15.85 10.08 2.12
C CYS A 106 -17.06 9.31 1.54
N TYR A 107 -17.02 7.99 1.61
CA TYR A 107 -18.11 7.15 1.09
C TYR A 107 -19.40 7.32 1.88
N ILE A 108 -19.28 7.48 3.20
CA ILE A 108 -20.45 7.59 4.07
C ILE A 108 -21.15 8.94 3.87
N TYR A 109 -20.38 10.02 3.83
CA TYR A 109 -20.95 11.36 3.76
C TYR A 109 -21.55 11.73 2.39
N ASN A 110 -20.82 11.42 1.33
CA ASN A 110 -21.17 11.92 0.00
C ASN A 110 -22.22 11.07 -0.73
N LYS A 111 -22.85 11.67 -1.73
CA LYS A 111 -23.80 10.97 -2.59
C LYS A 111 -23.04 9.97 -3.46
N PRO A 112 -23.66 8.80 -3.76
CA PRO A 112 -23.02 7.78 -4.60
C PRO A 112 -22.46 8.31 -5.92
N THR A 113 -23.11 9.32 -6.49
CA THR A 113 -22.77 9.86 -7.80
C THR A 113 -21.81 11.07 -7.75
N ASP A 114 -21.36 11.45 -6.55
CA ASP A 114 -20.40 12.55 -6.42
C ASP A 114 -19.03 12.12 -6.95
N ASP A 115 -18.37 13.01 -7.71
CA ASP A 115 -17.05 12.70 -8.25
C ASP A 115 -16.01 12.40 -7.16
N ILE A 116 -16.17 13.00 -5.97
CA ILE A 116 -15.20 12.78 -4.90
C ILE A 116 -15.14 11.29 -4.51
N VAL A 117 -16.27 10.59 -4.63
CA VAL A 117 -16.33 9.15 -4.35
C VAL A 117 -15.45 8.36 -5.33
N LEU A 118 -15.52 8.71 -6.62
N LEU A 118 -15.52 8.71 -6.61
CA LEU A 118 -14.66 8.11 -7.63
CA LEU A 118 -14.67 8.09 -7.62
C LEU A 118 -13.19 8.36 -7.32
C LEU A 118 -13.18 8.37 -7.37
N MET A 119 -12.87 9.58 -6.93
CA MET A 119 -11.50 9.97 -6.61
C MET A 119 -10.98 9.15 -5.41
N ALA A 120 -11.81 9.03 -4.38
CA ALA A 120 -11.48 8.21 -3.21
C ALA A 120 -11.24 6.75 -3.61
N GLN A 121 -12.14 6.19 -4.42
CA GLN A 121 -12.02 4.80 -4.85
C GLN A 121 -10.70 4.55 -5.59
N THR A 122 -10.33 5.48 -6.46
CA THR A 122 -9.07 5.40 -7.20
C THR A 122 -7.86 5.39 -6.27
N LEU A 123 -7.86 6.29 -5.30
CA LEU A 123 -6.76 6.37 -4.34
C LEU A 123 -6.73 5.13 -3.44
N GLU A 124 -7.90 4.65 -3.03
CA GLU A 124 -7.93 3.49 -2.12
C GLU A 124 -7.46 2.23 -2.83
N LYS A 125 -7.74 2.12 -4.13
CA LYS A 125 -7.24 0.99 -4.90
C LYS A 125 -5.71 0.98 -4.92
N ILE A 126 -5.09 2.15 -5.07
CA ILE A 126 -3.63 2.26 -5.00
C ILE A 126 -3.14 1.90 -3.59
N PHE A 127 -3.80 2.45 -2.58
CA PHE A 127 -3.49 2.13 -1.19
C PHE A 127 -3.43 0.61 -0.98
N LEU A 128 -4.48 -0.09 -1.39
CA LEU A 128 -4.55 -1.53 -1.19
C LEU A 128 -3.50 -2.30 -2.00
N GLN A 129 -3.28 -1.86 -3.24
N GLN A 129 -3.26 -1.85 -3.22
CA GLN A 129 -2.26 -2.46 -4.10
CA GLN A 129 -2.28 -2.47 -4.09
C GLN A 129 -0.88 -2.39 -3.44
C GLN A 129 -0.88 -2.38 -3.48
N LYS A 130 -0.56 -1.22 -2.89
CA LYS A 130 0.74 -1.01 -2.24
C LYS A 130 0.82 -1.76 -0.92
N VAL A 131 -0.27 -1.74 -0.15
CA VAL A 131 -0.29 -2.42 1.14
C VAL A 131 -0.10 -3.94 1.00
N ALA A 132 -0.51 -4.49 -0.14
CA ALA A 132 -0.30 -5.91 -0.43
C ALA A 132 1.18 -6.33 -0.44
N SER A 133 2.08 -5.37 -0.66
CA SER A 133 3.52 -5.64 -0.69
C SER A 133 4.30 -5.05 0.50
N MET A 134 3.57 -4.62 1.53
CA MET A 134 4.20 -4.10 2.75
C MET A 134 4.93 -5.21 3.51
N PRO A 135 6.07 -4.88 4.14
CA PRO A 135 6.75 -5.84 5.03
C PRO A 135 5.81 -6.47 6.05
N GLN A 136 6.01 -7.76 6.32
CA GLN A 136 5.07 -8.54 7.13
C GLN A 136 5.22 -8.32 8.64
N GLU A 137 6.44 -8.33 9.13
CA GLU A 137 6.71 -8.28 10.57
C GLU A 137 7.01 -6.86 11.05
N GLU A 138 6.23 -6.38 12.03
CA GLU A 138 6.51 -5.09 12.66
C GLU A 138 7.68 -5.23 13.63
N GLN A 139 8.86 -4.76 13.21
CA GLN A 139 10.05 -4.78 14.04
C GLN A 139 10.69 -3.39 14.09
N GLU A 140 10.87 -2.89 15.30
CA GLU A 140 11.35 -1.52 15.52
C GLU A 140 12.82 -1.37 15.15
N GLY B 27 -6.30 -18.16 -12.56
CA GLY B 27 -5.40 -17.67 -11.47
C GLY B 27 -4.43 -18.74 -11.00
N ARG B 28 -3.96 -18.60 -9.76
CA ARG B 28 -2.98 -19.52 -9.18
C ARG B 28 -3.07 -19.54 -7.65
N VAL B 29 -2.31 -20.43 -7.02
CA VAL B 29 -2.23 -20.53 -5.57
C VAL B 29 -0.93 -19.91 -5.09
N THR B 30 -1.04 -18.89 -4.23
CA THR B 30 0.15 -18.23 -3.66
C THR B 30 0.10 -18.29 -2.13
N ASN B 31 1.23 -17.96 -1.50
CA ASN B 31 1.30 -17.88 -0.04
C ASN B 31 0.35 -16.81 0.53
N GLN B 32 0.22 -15.69 -0.18
CA GLN B 32 -0.65 -14.60 0.24
C GLN B 32 -2.13 -14.97 0.08
N LEU B 33 -2.47 -15.60 -1.03
CA LEU B 33 -3.86 -16.03 -1.26
C LEU B 33 -4.33 -17.08 -0.23
N GLN B 34 -3.44 -17.99 0.14
N GLN B 34 -3.44 -18.01 0.13
CA GLN B 34 -3.77 -18.98 1.17
CA GLN B 34 -3.75 -18.98 1.18
C GLN B 34 -3.96 -18.30 2.53
C GLN B 34 -3.96 -18.30 2.53
N TYR B 35 -3.15 -17.27 2.80
CA TYR B 35 -3.29 -16.49 4.02
C TYR B 35 -4.65 -15.75 4.06
N LEU B 36 -5.01 -15.11 2.95
CA LEU B 36 -6.31 -14.44 2.85
C LEU B 36 -7.48 -15.40 3.04
N HIS B 37 -7.31 -16.63 2.56
CA HIS B 37 -8.36 -17.65 2.63
C HIS B 37 -8.46 -18.23 4.02
N LYS B 38 -7.35 -18.77 4.50
CA LYS B 38 -7.35 -19.56 5.74
C LYS B 38 -7.27 -18.71 7.01
N VAL B 39 -6.67 -17.53 6.93
CA VAL B 39 -6.52 -16.66 8.10
C VAL B 39 -7.51 -15.49 8.11
N VAL B 40 -7.49 -14.69 7.05
CA VAL B 40 -8.30 -13.46 7.02
C VAL B 40 -9.78 -13.78 6.86
N MET B 41 -10.14 -14.50 5.80
CA MET B 41 -11.55 -14.79 5.53
C MET B 41 -12.17 -15.65 6.63
N LYS B 42 -11.43 -16.64 7.12
CA LYS B 42 -11.94 -17.51 8.18
C LYS B 42 -12.33 -16.69 9.41
N ALA B 43 -11.48 -15.73 9.80
CA ALA B 43 -11.74 -14.85 10.92
C ALA B 43 -12.98 -13.97 10.70
N LEU B 44 -13.05 -13.32 9.55
CA LEU B 44 -14.19 -12.46 9.23
C LEU B 44 -15.49 -13.23 9.11
N TRP B 45 -15.43 -14.40 8.47
CA TRP B 45 -16.62 -15.21 8.22
C TRP B 45 -17.39 -15.55 9.47
N LYS B 46 -16.67 -15.93 10.53
CA LYS B 46 -17.29 -16.39 11.78
C LYS B 46 -17.67 -15.24 12.73
N HIS B 47 -17.31 -14.01 12.38
CA HIS B 47 -17.60 -12.85 13.22
C HIS B 47 -19.09 -12.67 13.37
N GLN B 48 -19.51 -12.17 14.54
CA GLN B 48 -20.94 -12.01 14.82
C GLN B 48 -21.64 -11.00 13.92
N PHE B 49 -20.88 -10.10 13.29
CA PHE B 49 -21.45 -9.12 12.38
C PHE B 49 -21.35 -9.53 10.90
N ALA B 50 -20.82 -10.73 10.63
CA ALA B 50 -20.56 -11.17 9.26
C ALA B 50 -21.79 -11.65 8.51
N TRP B 51 -22.85 -12.05 9.20
CA TRP B 51 -23.99 -12.72 8.54
C TRP B 51 -24.61 -11.99 7.36
N PRO B 52 -24.73 -10.64 7.41
CA PRO B 52 -25.28 -9.96 6.23
C PRO B 52 -24.36 -9.96 5.01
N PHE B 53 -23.09 -10.29 5.19
CA PHE B 53 -22.06 -10.21 4.16
C PHE B 53 -21.67 -11.54 3.54
N ARG B 54 -22.25 -12.64 4.03
CA ARG B 54 -21.86 -13.99 3.58
C ARG B 54 -22.45 -14.42 2.24
N GLN B 55 -23.39 -13.63 1.72
CA GLN B 55 -24.05 -13.91 0.45
C GLN B 55 -24.39 -12.58 -0.20
N PRO B 56 -24.67 -12.58 -1.52
CA PRO B 56 -25.03 -11.33 -2.18
C PRO B 56 -26.23 -10.64 -1.54
N VAL B 57 -26.24 -9.30 -1.59
CA VAL B 57 -27.40 -8.53 -1.18
C VAL B 57 -28.57 -8.92 -2.09
N ASP B 58 -29.66 -9.36 -1.47
CA ASP B 58 -30.89 -9.72 -2.21
C ASP B 58 -31.84 -8.53 -2.16
N ALA B 59 -31.80 -7.71 -3.21
CA ALA B 59 -32.55 -6.45 -3.26
C ALA B 59 -34.07 -6.69 -3.25
N VAL B 60 -34.50 -7.77 -3.89
CA VAL B 60 -35.92 -8.15 -3.88
C VAL B 60 -36.36 -8.50 -2.47
N LYS B 61 -35.65 -9.43 -1.84
CA LYS B 61 -35.97 -9.91 -0.49
C LYS B 61 -35.92 -8.80 0.56
N LEU B 62 -34.96 -7.88 0.42
CA LEU B 62 -34.81 -6.76 1.35
C LEU B 62 -35.67 -5.54 0.99
N GLY B 63 -36.29 -5.55 -0.18
CA GLY B 63 -37.11 -4.43 -0.63
C GLY B 63 -36.30 -3.19 -0.95
N LEU B 64 -35.28 -3.37 -1.78
CA LEU B 64 -34.37 -2.28 -2.16
C LEU B 64 -34.30 -2.18 -3.69
N PRO B 65 -35.36 -1.63 -4.32
CA PRO B 65 -35.43 -1.65 -5.79
C PRO B 65 -34.39 -0.77 -6.48
N ASP B 66 -33.75 0.13 -5.73
CA ASP B 66 -32.72 1.00 -6.28
C ASP B 66 -31.30 0.45 -6.08
N TYR B 67 -31.16 -0.68 -5.38
CA TYR B 67 -29.84 -1.18 -5.01
C TYR B 67 -28.92 -1.39 -6.21
N HIS B 68 -29.40 -2.07 -7.23
CA HIS B 68 -28.59 -2.36 -8.41
C HIS B 68 -28.47 -1.19 -9.37
N LYS B 69 -29.28 -0.16 -9.16
CA LYS B 69 -29.14 1.09 -9.91
C LYS B 69 -28.03 1.96 -9.33
N ILE B 70 -27.71 1.75 -8.05
CA ILE B 70 -26.65 2.49 -7.35
C ILE B 70 -25.35 1.69 -7.27
N ILE B 71 -25.46 0.41 -6.92
CA ILE B 71 -24.29 -0.47 -6.79
C ILE B 71 -24.12 -1.31 -8.04
N LYS B 72 -23.10 -0.97 -8.83
CA LYS B 72 -22.88 -1.60 -10.14
C LYS B 72 -21.98 -2.82 -10.13
N GLN B 73 -21.20 -2.99 -9.06
N GLN B 73 -21.23 -3.01 -9.03
CA GLN B 73 -20.39 -4.20 -8.89
CA GLN B 73 -20.36 -4.16 -8.87
C GLN B 73 -20.64 -4.79 -7.51
C GLN B 73 -20.62 -4.80 -7.49
N PRO B 74 -21.73 -5.56 -7.37
CA PRO B 74 -22.00 -6.23 -6.10
C PRO B 74 -20.88 -7.19 -5.71
N MET B 75 -20.62 -7.31 -4.42
CA MET B 75 -19.62 -8.22 -3.92
C MET B 75 -19.99 -8.63 -2.50
N ASP B 76 -19.58 -9.84 -2.13
CA ASP B 76 -19.87 -10.40 -0.83
C ASP B 76 -18.79 -11.43 -0.48
N MET B 77 -18.71 -11.82 0.78
N MET B 77 -18.72 -11.81 0.79
CA MET B 77 -17.67 -12.77 1.21
CA MET B 77 -17.72 -12.79 1.26
C MET B 77 -17.86 -14.18 0.63
C MET B 77 -17.87 -14.15 0.59
N GLY B 78 -19.11 -14.57 0.36
CA GLY B 78 -19.39 -15.86 -0.26
C GLY B 78 -18.80 -15.97 -1.66
N THR B 79 -18.94 -14.90 -2.43
CA THR B 79 -18.35 -14.83 -3.76
C THR B 79 -16.81 -14.83 -3.69
N ILE B 80 -16.26 -14.08 -2.74
CA ILE B 80 -14.81 -14.03 -2.53
C ILE B 80 -14.27 -15.39 -2.10
N LYS B 81 -14.97 -16.02 -1.17
CA LYS B 81 -14.60 -17.37 -0.68
C LYS B 81 -14.56 -18.38 -1.83
N ARG B 82 -15.58 -18.35 -2.68
CA ARG B 82 -15.67 -19.28 -3.82
C ARG B 82 -14.56 -19.02 -4.84
N ARG B 83 -14.24 -17.73 -5.04
CA ARG B 83 -13.14 -17.35 -5.93
C ARG B 83 -11.79 -17.83 -5.41
N LEU B 84 -11.58 -17.75 -4.10
CA LEU B 84 -10.39 -18.30 -3.46
C LEU B 84 -10.32 -19.83 -3.64
N GLU B 85 -11.45 -20.49 -3.43
CA GLU B 85 -11.54 -21.95 -3.55
C GLU B 85 -11.27 -22.45 -4.98
N ASN B 86 -11.71 -21.68 -5.98
CA ASN B 86 -11.57 -22.06 -7.38
C ASN B 86 -10.34 -21.45 -8.07
N ASN B 87 -9.39 -20.95 -7.27
CA ASN B 87 -8.15 -20.36 -7.78
C ASN B 87 -8.38 -19.28 -8.85
N TYR B 88 -9.39 -18.46 -8.60
CA TYR B 88 -9.77 -17.39 -9.53
C TYR B 88 -8.75 -16.25 -9.52
N TYR B 89 -8.21 -15.94 -8.33
CA TYR B 89 -7.28 -14.83 -8.20
C TYR B 89 -5.88 -15.21 -8.64
N TRP B 90 -5.22 -14.26 -9.30
CA TRP B 90 -3.83 -14.41 -9.70
C TRP B 90 -2.90 -13.80 -8.68
N ALA B 91 -3.40 -12.82 -7.92
CA ALA B 91 -2.60 -12.14 -6.89
C ALA B 91 -3.45 -11.72 -5.69
N ALA B 92 -2.81 -11.57 -4.55
CA ALA B 92 -3.47 -11.19 -3.30
C ALA B 92 -4.21 -9.86 -3.42
N SER B 93 -3.58 -8.90 -4.11
CA SER B 93 -4.18 -7.57 -4.29
C SER B 93 -5.56 -7.65 -4.92
N GLU B 94 -5.76 -8.59 -5.85
CA GLU B 94 -7.03 -8.75 -6.53
C GLU B 94 -8.14 -9.15 -5.56
N CYS B 95 -7.82 -10.08 -4.66
CA CYS B 95 -8.72 -10.51 -3.61
C CYS B 95 -9.00 -9.37 -2.64
N MET B 96 -7.96 -8.65 -2.24
CA MET B 96 -8.11 -7.49 -1.36
C MET B 96 -9.02 -6.42 -1.97
N GLN B 97 -8.97 -6.25 -3.30
CA GLN B 97 -9.83 -5.28 -3.97
C GLN B 97 -11.29 -5.70 -3.89
N ASP B 98 -11.56 -7.00 -3.97
CA ASP B 98 -12.94 -7.49 -3.84
C ASP B 98 -13.48 -7.25 -2.43
N PHE B 99 -12.66 -7.49 -1.40
CA PHE B 99 -13.05 -7.15 -0.04
C PHE B 99 -13.39 -5.66 0.03
N ASN B 100 -12.52 -4.83 -0.55
CA ASN B 100 -12.73 -3.38 -0.52
C ASN B 100 -14.03 -2.98 -1.20
N THR B 101 -14.32 -3.57 -2.35
CA THR B 101 -15.57 -3.32 -3.05
C THR B 101 -16.80 -3.66 -2.20
N MET B 102 -16.77 -4.81 -1.54
CA MET B 102 -17.86 -5.20 -0.65
C MET B 102 -18.13 -4.12 0.40
N PHE B 103 -17.08 -3.68 1.07
CA PHE B 103 -17.24 -2.70 2.15
C PHE B 103 -17.67 -1.34 1.57
N THR B 104 -17.01 -0.92 0.50
CA THR B 104 -17.29 0.37 -0.12
C THR B 104 -18.74 0.44 -0.61
N ASN B 105 -19.22 -0.62 -1.25
CA ASN B 105 -20.62 -0.69 -1.67
C ASN B 105 -21.57 -0.41 -0.51
N CYS B 106 -21.27 -1.04 0.62
CA CYS B 106 -22.07 -0.87 1.84
C CYS B 106 -22.13 0.60 2.29
N TYR B 107 -20.99 1.26 2.32
CA TYR B 107 -20.91 2.66 2.76
C TYR B 107 -21.60 3.59 1.79
N ILE B 108 -21.44 3.31 0.50
CA ILE B 108 -22.01 4.16 -0.54
C ILE B 108 -23.54 4.07 -0.57
N TYR B 109 -24.08 2.86 -0.48
CA TYR B 109 -25.53 2.66 -0.61
C TYR B 109 -26.32 3.09 0.62
N ASN B 110 -25.86 2.68 1.80
CA ASN B 110 -26.66 2.84 3.01
C ASN B 110 -26.57 4.23 3.63
N LYS B 111 -27.54 4.53 4.49
CA LYS B 111 -27.54 5.79 5.23
C LYS B 111 -26.44 5.73 6.29
N PRO B 112 -25.79 6.88 6.57
CA PRO B 112 -24.74 6.92 7.59
C PRO B 112 -25.15 6.30 8.93
N THR B 113 -26.41 6.42 9.28
CA THR B 113 -26.93 5.98 10.58
C THR B 113 -27.36 4.51 10.60
N ASP B 114 -27.29 3.82 9.46
CA ASP B 114 -27.68 2.40 9.38
C ASP B 114 -26.70 1.52 10.14
N ASP B 115 -27.24 0.56 10.91
CA ASP B 115 -26.40 -0.37 11.67
C ASP B 115 -25.46 -1.16 10.77
N ILE B 116 -25.87 -1.44 9.53
CA ILE B 116 -25.03 -2.21 8.62
C ILE B 116 -23.68 -1.52 8.38
N VAL B 117 -23.69 -0.18 8.40
CA VAL B 117 -22.47 0.60 8.22
C VAL B 117 -21.47 0.36 9.36
N LEU B 118 -21.97 0.32 10.60
N LEU B 118 -21.98 0.33 10.60
CA LEU B 118 -21.12 0.02 11.76
CA LEU B 118 -21.15 0.01 11.77
C LEU B 118 -20.58 -1.41 11.70
C LEU B 118 -20.57 -1.40 11.68
N MET B 119 -21.41 -2.34 11.22
CA MET B 119 -21.01 -3.74 11.10
C MET B 119 -19.88 -3.89 10.05
N ALA B 120 -20.04 -3.23 8.91
CA ALA B 120 -19.01 -3.18 7.89
C ALA B 120 -17.69 -2.58 8.40
N GLN B 121 -17.78 -1.44 9.08
CA GLN B 121 -16.59 -0.76 9.66
C GLN B 121 -15.82 -1.69 10.60
N THR B 122 -16.56 -2.43 11.43
CA THR B 122 -15.96 -3.35 12.38
C THR B 122 -15.20 -4.48 11.67
N LEU B 123 -15.83 -5.06 10.66
CA LEU B 123 -15.22 -6.13 9.88
C LEU B 123 -14.04 -5.61 9.07
N GLU B 124 -14.19 -4.42 8.50
CA GLU B 124 -13.14 -3.80 7.69
C GLU B 124 -11.89 -3.53 8.53
N LYS B 125 -12.06 -3.14 9.80
CA LYS B 125 -10.93 -2.92 10.69
C LYS B 125 -10.16 -4.22 10.96
N ILE B 126 -10.89 -5.32 11.12
CA ILE B 126 -10.26 -6.64 11.27
C ILE B 126 -9.51 -7.02 10.01
N PHE B 127 -10.16 -6.83 8.87
CA PHE B 127 -9.54 -7.11 7.57
C PHE B 127 -8.19 -6.43 7.45
N LEU B 128 -8.14 -5.14 7.77
CA LEU B 128 -6.89 -4.38 7.66
C LEU B 128 -5.84 -4.85 8.66
N GLN B 129 -6.27 -5.13 9.88
CA GLN B 129 -5.39 -5.66 10.93
C GLN B 129 -4.68 -6.93 10.45
N LYS B 130 -5.46 -7.84 9.89
CA LYS B 130 -4.94 -9.12 9.44
C LYS B 130 -4.07 -8.96 8.19
N VAL B 131 -4.49 -8.09 7.27
CA VAL B 131 -3.71 -7.81 6.06
C VAL B 131 -2.32 -7.27 6.39
N ALA B 132 -2.21 -6.52 7.47
CA ALA B 132 -0.92 -5.96 7.91
C ALA B 132 0.11 -7.05 8.26
N SER B 133 -0.37 -8.24 8.63
CA SER B 133 0.48 -9.37 8.99
C SER B 133 0.62 -10.43 7.88
N MET B 134 0.15 -10.10 6.67
CA MET B 134 0.27 -10.99 5.52
C MET B 134 1.73 -11.05 5.06
N PRO B 135 2.21 -12.22 4.60
CA PRO B 135 3.57 -12.31 4.04
C PRO B 135 3.85 -11.29 2.93
N GLN B 136 4.98 -10.60 3.02
CA GLN B 136 5.31 -9.52 2.08
C GLN B 136 5.58 -10.05 0.67
N GLU B 137 6.18 -11.24 0.62
CA GLU B 137 6.56 -11.91 -0.63
C GLU B 137 7.63 -11.12 -1.39
N THR C 30 27.54 5.23 -25.94
CA THR C 30 27.84 4.34 -24.78
C THR C 30 26.74 3.30 -24.61
N ASN C 31 26.83 2.22 -25.37
CA ASN C 31 25.82 1.15 -25.34
C ASN C 31 25.74 0.43 -23.99
N GLN C 32 26.89 0.27 -23.32
CA GLN C 32 26.93 -0.34 -22.00
C GLN C 32 26.15 0.48 -20.97
N LEU C 33 26.41 1.78 -20.93
CA LEU C 33 25.72 2.68 -20.00
C LEU C 33 24.23 2.83 -20.37
N GLN C 34 23.93 2.81 -21.66
CA GLN C 34 22.54 2.82 -22.12
C GLN C 34 21.81 1.55 -21.65
N TYR C 35 22.50 0.42 -21.72
CA TYR C 35 21.97 -0.85 -21.22
C TYR C 35 21.76 -0.78 -19.70
N LEU C 36 22.77 -0.29 -18.98
CA LEU C 36 22.65 -0.12 -17.52
C LEU C 36 21.48 0.78 -17.14
N HIS C 37 21.19 1.76 -17.97
CA HIS C 37 20.05 2.66 -17.72
C HIS C 37 18.76 2.03 -18.13
N LYS C 38 18.68 1.56 -19.37
CA LYS C 38 17.42 1.09 -19.97
C LYS C 38 17.01 -0.32 -19.53
N VAL C 39 17.98 -1.19 -19.28
CA VAL C 39 17.70 -2.58 -18.93
C VAL C 39 17.89 -2.85 -17.44
N VAL C 40 19.06 -2.50 -16.91
CA VAL C 40 19.40 -2.83 -15.52
C VAL C 40 18.61 -1.96 -14.53
N MET C 41 18.78 -0.64 -14.60
CA MET C 41 18.13 0.26 -13.65
C MET C 41 16.61 0.21 -13.76
N LYS C 42 16.08 0.11 -14.97
CA LYS C 42 14.62 0.02 -15.17
C LYS C 42 14.03 -1.18 -14.41
N ALA C 43 14.72 -2.32 -14.47
CA ALA C 43 14.28 -3.53 -13.78
C ALA C 43 14.40 -3.42 -12.25
N LEU C 44 15.51 -2.85 -11.78
CA LEU C 44 15.77 -2.74 -10.34
C LEU C 44 14.88 -1.68 -9.69
N TRP C 45 14.70 -0.54 -10.36
CA TRP C 45 13.95 0.58 -9.82
C TRP C 45 12.53 0.24 -9.46
N LYS C 46 11.87 -0.54 -10.32
CA LYS C 46 10.46 -0.89 -10.14
C LYS C 46 10.24 -2.20 -9.38
N HIS C 47 11.34 -2.84 -8.96
CA HIS C 47 11.26 -4.08 -8.19
C HIS C 47 10.63 -3.83 -6.86
N GLN C 48 9.91 -4.82 -6.35
CA GLN C 48 9.23 -4.73 -5.05
C GLN C 48 10.15 -4.37 -3.88
N PHE C 49 11.40 -4.86 -3.94
CA PHE C 49 12.37 -4.66 -2.86
C PHE C 49 13.22 -3.39 -3.02
N ALA C 50 12.95 -2.58 -4.04
CA ALA C 50 13.75 -1.39 -4.32
C ALA C 50 13.57 -0.25 -3.31
N TRP C 51 12.39 -0.17 -2.69
CA TRP C 51 12.01 1.04 -1.93
C TRP C 51 12.98 1.54 -0.88
N PRO C 52 13.66 0.65 -0.14
CA PRO C 52 14.63 1.19 0.82
C PRO C 52 15.88 1.82 0.17
N PHE C 53 16.08 1.57 -1.12
CA PHE C 53 17.29 2.00 -1.82
C PHE C 53 17.06 3.11 -2.84
N ARG C 54 15.82 3.58 -2.96
CA ARG C 54 15.47 4.58 -3.98
C ARG C 54 15.94 6.01 -3.64
N GLN C 55 16.36 6.22 -2.40
CA GLN C 55 16.80 7.54 -1.94
C GLN C 55 17.96 7.39 -0.97
N PRO C 56 18.76 8.45 -0.80
CA PRO C 56 19.87 8.35 0.16
C PRO C 56 19.39 8.04 1.56
N VAL C 57 20.21 7.32 2.33
CA VAL C 57 19.91 7.03 3.71
C VAL C 57 19.91 8.34 4.50
N ASP C 58 18.78 8.67 5.12
CA ASP C 58 18.69 9.83 6.00
C ASP C 58 18.83 9.31 7.43
N ALA C 59 20.06 9.36 7.95
CA ALA C 59 20.40 8.79 9.26
C ALA C 59 19.65 9.46 10.41
N VAL C 60 19.35 10.75 10.26
CA VAL C 60 18.59 11.50 11.26
C VAL C 60 17.15 11.00 11.29
N LYS C 61 16.50 11.03 10.13
CA LYS C 61 15.11 10.60 9.96
C LYS C 61 14.88 9.16 10.42
N LEU C 62 15.77 8.26 10.00
CA LEU C 62 15.64 6.83 10.30
C LEU C 62 16.20 6.44 11.67
N GLY C 63 16.79 7.39 12.39
CA GLY C 63 17.33 7.14 13.72
C GLY C 63 18.53 6.21 13.69
N LEU C 64 19.49 6.53 12.84
CA LEU C 64 20.74 5.76 12.70
C LEU C 64 21.94 6.70 12.92
N PRO C 65 22.15 7.16 14.16
CA PRO C 65 23.22 8.13 14.43
C PRO C 65 24.65 7.65 14.15
N ASP C 66 24.87 6.34 14.07
CA ASP C 66 26.19 5.79 13.77
C ASP C 66 26.39 5.44 12.29
N TYR C 67 25.37 5.68 11.45
CA TYR C 67 25.42 5.24 10.05
C TYR C 67 26.65 5.77 9.32
N HIS C 68 26.89 7.07 9.41
CA HIS C 68 28.01 7.68 8.70
C HIS C 68 29.34 7.53 9.38
N LYS C 69 29.34 7.01 10.61
CA LYS C 69 30.59 6.59 11.26
C LYS C 69 31.05 5.25 10.69
N ILE C 70 30.09 4.40 10.33
CA ILE C 70 30.38 3.05 9.82
C ILE C 70 30.53 3.03 8.30
N ILE C 71 29.60 3.67 7.61
CA ILE C 71 29.58 3.72 6.14
C ILE C 71 30.29 4.96 5.63
N LYS C 72 31.37 4.76 4.87
CA LYS C 72 32.22 5.85 4.41
C LYS C 72 31.73 6.51 3.11
N GLN C 73 31.10 5.72 2.24
N GLN C 73 31.11 5.71 2.24
CA GLN C 73 30.62 6.21 0.95
CA GLN C 73 30.62 6.20 0.96
C GLN C 73 29.17 5.80 0.72
C GLN C 73 29.17 5.79 0.74
N PRO C 74 28.22 6.65 1.15
CA PRO C 74 26.80 6.37 0.93
C PRO C 74 26.46 6.32 -0.56
N MET C 75 25.53 5.45 -0.93
CA MET C 75 25.08 5.37 -2.31
C MET C 75 23.67 4.81 -2.33
N ASP C 76 22.90 5.22 -3.32
CA ASP C 76 21.50 4.79 -3.46
C ASP C 76 21.10 4.79 -4.93
N MET C 77 20.02 4.10 -5.25
CA MET C 77 19.56 4.00 -6.64
C MET C 77 19.08 5.32 -7.22
N GLY C 78 18.56 6.21 -6.38
CA GLY C 78 18.12 7.53 -6.82
C GLY C 78 19.29 8.30 -7.41
N THR C 79 20.40 8.30 -6.68
CA THR C 79 21.63 8.93 -7.13
C THR C 79 22.16 8.31 -8.41
N ILE C 80 22.21 6.98 -8.44
CA ILE C 80 22.66 6.25 -9.63
C ILE C 80 21.78 6.59 -10.84
N LYS C 81 20.47 6.56 -10.64
CA LYS C 81 19.51 6.86 -11.71
C LYS C 81 19.72 8.27 -12.26
N ARG C 82 19.86 9.24 -11.36
CA ARG C 82 20.12 10.64 -11.75
C ARG C 82 21.42 10.74 -12.55
N ARG C 83 22.45 10.04 -12.09
CA ARG C 83 23.74 10.04 -12.77
C ARG C 83 23.66 9.46 -14.18
N LEU C 84 22.89 8.39 -14.34
CA LEU C 84 22.67 7.79 -15.65
C LEU C 84 21.92 8.77 -16.57
N GLU C 85 20.89 9.41 -16.02
CA GLU C 85 20.08 10.38 -16.77
C GLU C 85 20.92 11.59 -17.22
N ASN C 86 21.86 12.01 -16.39
CA ASN C 86 22.65 13.22 -16.64
C ASN C 86 24.01 12.95 -17.29
N ASN C 87 24.24 11.73 -17.78
CA ASN C 87 25.50 11.36 -18.45
C ASN C 87 26.74 11.52 -17.56
N TYR C 88 26.57 11.29 -16.27
CA TYR C 88 27.65 11.44 -15.30
C TYR C 88 28.79 10.43 -15.50
N TYR C 89 28.42 9.17 -15.76
CA TYR C 89 29.39 8.09 -15.84
C TYR C 89 30.17 8.08 -17.15
N TRP C 90 31.44 7.69 -17.06
CA TRP C 90 32.33 7.54 -18.21
C TRP C 90 32.35 6.14 -18.72
N ALA C 91 32.34 5.18 -17.80
CA ALA C 91 32.37 3.77 -18.16
C ALA C 91 31.30 3.03 -17.36
N ALA C 92 30.83 1.92 -17.92
CA ALA C 92 29.87 1.05 -17.23
C ALA C 92 30.40 0.61 -15.87
N SER C 93 31.71 0.37 -15.79
CA SER C 93 32.37 -0.03 -14.55
C SER C 93 32.06 0.90 -13.36
N GLU C 94 32.03 2.20 -13.60
CA GLU C 94 31.76 3.19 -12.54
C GLU C 94 30.34 3.05 -11.98
N CYS C 95 29.39 2.87 -12.87
CA CYS C 95 27.98 2.65 -12.48
C CYS C 95 27.84 1.34 -11.71
N MET C 96 28.49 0.29 -12.20
CA MET C 96 28.52 -1.01 -11.52
C MET C 96 29.11 -0.91 -10.11
N GLN C 97 30.17 -0.13 -9.95
N GLN C 97 30.17 -0.13 -9.93
CA GLN C 97 30.79 0.09 -8.64
CA GLN C 97 30.75 0.04 -8.59
C GLN C 97 29.83 0.77 -7.66
C GLN C 97 29.81 0.77 -7.64
N ASP C 98 29.05 1.74 -8.15
CA ASP C 98 28.07 2.45 -7.33
C ASP C 98 26.98 1.49 -6.84
N PHE C 99 26.45 0.67 -7.74
CA PHE C 99 25.53 -0.40 -7.33
C PHE C 99 26.15 -1.28 -6.25
N ASN C 100 27.38 -1.73 -6.49
CA ASN C 100 28.08 -2.58 -5.53
C ASN C 100 28.24 -1.90 -4.17
N THR C 101 28.63 -0.63 -4.18
CA THR C 101 28.77 0.15 -2.96
C THR C 101 27.46 0.19 -2.17
N MET C 102 26.37 0.45 -2.87
CA MET C 102 25.04 0.51 -2.24
C MET C 102 24.70 -0.80 -1.53
N PHE C 103 24.87 -1.90 -2.23
CA PHE C 103 24.57 -3.20 -1.64
C PHE C 103 25.51 -3.53 -0.49
N THR C 104 26.80 -3.29 -0.69
CA THR C 104 27.80 -3.56 0.34
C THR C 104 27.53 -2.76 1.62
N ASN C 105 27.18 -1.48 1.49
CA ASN C 105 26.84 -0.66 2.66
C ASN C 105 25.76 -1.31 3.49
N CYS C 106 24.75 -1.85 2.80
CA CYS C 106 23.63 -2.49 3.46
C CYS C 106 24.08 -3.74 4.24
N TYR C 107 24.90 -4.57 3.61
CA TYR C 107 25.40 -5.79 4.26
C TYR C 107 26.28 -5.47 5.46
N ILE C 108 27.10 -4.43 5.33
CA ILE C 108 28.02 -4.06 6.40
C ILE C 108 27.29 -3.46 7.58
N TYR C 109 26.37 -2.53 7.33
CA TYR C 109 25.73 -1.79 8.41
C TYR C 109 24.67 -2.60 9.17
N ASN C 110 23.87 -3.40 8.47
CA ASN C 110 22.71 -4.03 9.08
C ASN C 110 23.01 -5.36 9.74
N LYS C 111 22.10 -5.81 10.60
CA LYS C 111 22.19 -7.15 11.19
C LYS C 111 21.93 -8.20 10.12
N PRO C 112 22.62 -9.36 10.20
CA PRO C 112 22.43 -10.43 9.21
C PRO C 112 20.97 -10.87 9.04
N THR C 113 20.20 -10.82 10.13
CA THR C 113 18.81 -11.27 10.13
C THR C 113 17.82 -10.20 9.68
N ASP C 114 18.28 -8.96 9.50
CA ASP C 114 17.41 -7.88 9.01
C ASP C 114 16.84 -8.24 7.64
N ASP C 115 15.57 -7.90 7.43
N ASP C 115 15.57 -7.90 7.43
CA ASP C 115 14.89 -8.16 6.17
CA ASP C 115 14.87 -8.14 6.16
C ASP C 115 15.53 -7.42 4.98
C ASP C 115 15.53 -7.42 4.99
N ILE C 116 16.06 -6.22 5.26
CA ILE C 116 16.71 -5.42 4.21
C ILE C 116 17.92 -6.13 3.59
N VAL C 117 18.60 -6.96 4.38
CA VAL C 117 19.74 -7.74 3.86
C VAL C 117 19.26 -8.74 2.82
N LEU C 118 18.14 -9.41 3.09
CA LEU C 118 17.55 -10.34 2.13
C LEU C 118 17.09 -9.60 0.87
N MET C 119 16.52 -8.42 1.06
CA MET C 119 16.08 -7.58 -0.06
C MET C 119 17.25 -7.19 -0.95
N ALA C 120 18.35 -6.74 -0.34
CA ALA C 120 19.56 -6.40 -1.08
C ALA C 120 20.09 -7.61 -1.86
N GLN C 121 20.17 -8.77 -1.20
CA GLN C 121 20.64 -10.00 -1.84
C GLN C 121 19.86 -10.32 -3.11
N THR C 122 18.53 -10.23 -3.02
CA THR C 122 17.66 -10.46 -4.18
C THR C 122 17.93 -9.48 -5.31
N LEU C 123 18.02 -8.20 -4.95
CA LEU C 123 18.26 -7.16 -5.95
C LEU C 123 19.64 -7.33 -6.59
N GLU C 124 20.64 -7.64 -5.77
CA GLU C 124 22.00 -7.78 -6.31
C GLU C 124 22.15 -8.97 -7.25
N LYS C 125 21.45 -10.06 -6.96
CA LYS C 125 21.48 -11.22 -7.86
C LYS C 125 20.92 -10.86 -9.23
N ILE C 126 19.83 -10.09 -9.25
CA ILE C 126 19.26 -9.58 -10.50
C ILE C 126 20.22 -8.66 -11.22
N PHE C 127 20.84 -7.75 -10.47
CA PHE C 127 21.86 -6.84 -11.00
C PHE C 127 22.95 -7.60 -11.75
N LEU C 128 23.53 -8.60 -11.09
CA LEU C 128 24.61 -9.40 -11.68
C LEU C 128 24.17 -10.20 -12.90
N GLN C 129 22.96 -10.76 -12.84
N GLN C 129 22.97 -10.77 -12.83
CA GLN C 129 22.40 -11.51 -13.96
CA GLN C 129 22.41 -11.52 -13.96
C GLN C 129 22.34 -10.63 -15.20
C GLN C 129 22.33 -10.63 -15.20
N LYS C 130 21.81 -9.42 -15.03
CA LYS C 130 21.68 -8.46 -16.13
C LYS C 130 23.04 -7.96 -16.62
N VAL C 131 23.96 -7.73 -15.69
CA VAL C 131 25.31 -7.28 -16.04
C VAL C 131 26.06 -8.29 -16.92
N ALA C 132 25.81 -9.58 -16.67
CA ALA C 132 26.43 -10.65 -17.47
C ALA C 132 25.99 -10.61 -18.95
N SER C 133 24.78 -10.12 -19.21
CA SER C 133 24.25 -10.02 -20.57
C SER C 133 24.40 -8.62 -21.16
N MET C 134 25.25 -7.81 -20.53
CA MET C 134 25.53 -6.46 -21.00
C MET C 134 26.38 -6.53 -22.28
N PRO C 135 26.19 -5.58 -23.21
CA PRO C 135 27.04 -5.54 -24.41
C PRO C 135 28.52 -5.29 -24.10
N GLN C 136 29.40 -5.74 -24.99
CA GLN C 136 30.85 -5.57 -24.82
C GLN C 136 31.26 -4.13 -25.04
C1 EDO D . -13.63 2.29 2.97
O1 EDO D . -12.28 2.04 3.34
C2 EDO D . -14.11 1.28 1.93
O2 EDO D . -13.33 0.08 1.96
C01 S5B E . -12.45 14.35 0.60
C02 S5B E . -13.85 14.69 0.98
N01 S5B E . -14.51 13.89 1.76
O01 S5B E . -15.80 14.48 1.95
C03 S5B E . -15.83 15.61 1.25
C04 S5B E . -17.09 16.39 1.31
C05 S5B E . -14.64 15.81 0.63
C06 S5B E . -14.30 16.95 -0.24
C07 S5B E . -15.06 17.20 -1.38
C08 S5B E . -14.78 18.26 -2.18
C09 S5B E . -13.70 19.13 -1.89
C10 S5B E . -13.34 20.27 -2.72
N02 S5B E . -14.04 20.55 -3.87
C11 S5B E . -14.37 19.52 -4.82
C12 S5B E . -13.49 18.45 -5.02
C13 S5B E . -13.81 17.44 -5.91
C14 S5B E . -15.01 17.49 -6.61
C15 S5B E . -15.88 18.53 -6.42
C16 S5B E . -15.60 19.56 -5.53
C17 S5B E . -16.63 20.71 -5.37
C18 S5B E . -16.95 20.94 -3.89
C19 S5B E . -16.08 22.01 -5.94
C20 S5B E . -17.94 20.39 -6.08
C21 S5B E . -12.24 21.06 -2.30
C22 S5B E . -11.58 20.68 -1.13
N1 S5B E . -11.85 19.66 -0.37
C23 S5B E . -12.92 18.88 -0.74
C24 S5B E . -13.24 17.77 0.08
C1 S5B E . -11.77 22.28 -3.01
O02 S5B E . -12.44 22.60 -4.08
O1 S5B E . -10.87 22.97 -2.56
S SO4 F . -1.80 19.47 -7.67
O1 SO4 F . -3.20 19.34 -8.12
O2 SO4 F . -1.74 20.52 -6.63
O3 SO4 F . -0.94 19.84 -8.81
O4 SO4 F . -1.35 18.18 -7.10
S SO4 G . -1.99 15.27 14.81
O1 SO4 G . -3.08 14.37 14.36
O2 SO4 G . -2.60 16.50 15.38
O3 SO4 G . -1.15 15.64 13.64
O4 SO4 G . -1.17 14.59 15.82
C01 S5B H . -24.28 -5.94 3.54
C02 S5B H . -25.18 -4.94 2.91
N01 S5B H . -24.68 -4.05 2.09
O01 S5B H . -25.76 -3.25 1.65
C03 S5B H . -26.87 -3.72 2.23
C04 S5B H . -28.14 -3.01 1.88
C05 S5B H . -26.57 -4.77 3.01
C06 S5B H . -27.52 -5.55 3.84
C07 S5B H . -28.27 -4.93 4.83
C08 S5B H . -29.15 -5.64 5.59
C09 S5B H . -29.33 -7.03 5.40
C10 S5B H . -30.25 -7.84 6.16
N02 S5B H . -31.01 -7.29 7.18
C11 S5B H . -30.45 -6.42 8.17
C12 S5B H . -29.12 -6.57 8.56
C13 S5B H . -28.58 -5.70 9.50
C14 S5B H . -29.33 -4.69 10.04
C15 S5B H . -30.65 -4.52 9.65
C16 S5B H . -31.24 -5.37 8.70
C17 S5B H . -32.72 -5.13 8.31
C18 S5B H . -32.88 -5.12 6.79
C19 S5B H . -33.61 -6.24 8.88
C20 S5B H . -33.24 -3.79 8.85
C21 S5B H . -30.32 -9.22 5.86
C22 S5B H . -29.52 -9.70 4.82
N1 S5B H . -28.67 -9.00 4.11
C23 S5B H . -28.57 -7.67 4.38
C24 S5B H . -27.67 -6.90 3.62
C1 S5B H . -31.23 -10.18 6.54
O02 S5B H . -31.97 -9.65 7.48
O1 S5B H . -31.29 -11.36 6.22
S DMS I . 19.59 0.82 4.97
O DMS I . 20.04 1.75 6.04
C1 DMS I . 20.81 -0.34 4.68
C2 DMS I . 19.60 1.60 3.45
S SO4 J . 24.90 14.68 -11.79
O1 SO4 J . 24.94 14.15 -13.15
O2 SO4 J . 24.06 15.91 -11.74
O3 SO4 J . 26.28 15.03 -11.38
O4 SO4 J . 24.34 13.68 -10.87
#